data_9KAD
#
_entry.id   9KAD
#
_entity_poly.entity_id   1
_entity_poly.type   'polyribonucleotide'
_entity_poly.pdbx_seq_one_letter_code
;GCAGCAGCAGCAGC
;
_entity_poly.pdbx_strand_id   A,B
#
loop_
_chem_comp.id
_chem_comp.type
_chem_comp.name
_chem_comp.formula
A RNA linking ADENOSINE-5'-MONOPHOSPHATE 'C10 H14 N5 O7 P'
C RNA linking CYTIDINE-5'-MONOPHOSPHATE 'C9 H14 N3 O8 P'
G RNA linking GUANOSINE-5'-MONOPHOSPHATE 'C10 H14 N5 O8 P'
#